data_8IF5
#
_entry.id   8IF5
#
loop_
_entity.id
_entity.type
_entity.pdbx_description
1 polymer 'AFB1 DNA aptamer (26-MER)'
2 non-polymer 'AFLATOXIN B1'
#
_entity_poly.entity_id   1
_entity_poly.type   'polydeoxyribonucleotide'
_entity_poly.pdbx_seq_one_letter_code
;(DC)(DA)(DC)(DG)(DT)(DG)(DT)(DT)(DG)(DT)(DC)(DT)(DC)(DT)(DC)(DT)(DG)(DT)(DG)(DT)
(DC)(DT)(DC)(DG)(DT)(DG)
;
_entity_poly.pdbx_strand_id   A
#